data_4URW
#
_entry.id   4URW
#
_cell.length_a   149.411
_cell.length_b   149.411
_cell.length_c   200.344
_cell.angle_alpha   90.00
_cell.angle_beta   90.00
_cell.angle_gamma   90.00
#
_symmetry.space_group_name_H-M   'I 4 2 2'
#
loop_
_entity.id
_entity.type
_entity.pdbx_description
1 polymer 'GTPASE HRAS'
2 polymer 'SON OF SEVENLESS HOMOLOG 1'
3 non-polymer 2-(2,6-DIMETHYLPHENYL)-4-(METHYLSULFANYL)-6-(PIPERAZIN-1-YL)-1,3,5-TRIAZINE
4 water water
#
loop_
_entity_poly.entity_id
_entity_poly.type
_entity_poly.pdbx_seq_one_letter_code
_entity_poly.pdbx_strand_id
1 'polypeptide(L)'
;MHHHHHHGGGENLYFQGSHMTEYKLVVVGAGGVGKSALTIQLIQNHFVDEYDPTIEDSYRKQVVIDGETCLLDILDTAGQ
EEYSAMRDQYMRTGEGFLCVFAINNTKSFEDIHQYREQIKRVKDSDDVPMVLVGNKCDLAARTVESRQAQDLARSYGIPY
IETSAKTRQGVEDAFYTLVREIRQH
;
R
2 'polypeptide(L)'
;MEEQMRLPSADVYRFAEPDSEENIIFEENMQPKAGIPIIKAGTVIKLIERLTYHMYADPNFVRTFLTTYRSFCKPQELLS
LIIERFEIPEPEPTEADRIAIENGDQPLSAELKRFRKEYIQPVQLRVLNVCRHWVEHHFYDFERDAYLLQRMEEFIGTVR
GKAMKKWVESITKIIQRKKIARDNGPGHNITFQSSPPTVEWHISRPGHIETFDLLTLHPIEIARQLTLLESDLYRAVQPS
ELVGSVWTKEDKEINSPNLLKMIRHTTNLTLWFEKCIVETENLEERVAVVSRIIEILQVFQELNNFNGVLEVVSAMNSSP
VYRLDHTFEQIPSRQKKILEEAHELSEDHYKKYLAKLRSINPPCVPFFGIYLTNILKTEEGNPEVLKRHGKELINFSKRR
KVAEITGEIQQYQNQPYCLRVESDIKRFFENLNPMGNSMEKEFTDYLFNKSLEIEPRNPKPLPRFPKKYSYPLKSPGVRP
SNPRPGT
;
S
#
loop_
_chem_comp.id
_chem_comp.type
_chem_comp.name
_chem_comp.formula
DXO non-polymer 2-(2,6-DIMETHYLPHENYL)-4-(METHYLSULFANYL)-6-(PIPERAZIN-1-YL)-1,3,5-TRIAZINE 'C16 H21 N5 S'
#
# COMPACT_ATOMS: atom_id res chain seq x y z
N HIS A 19 5.34 -30.90 -16.13
CA HIS A 19 4.98 -30.25 -14.87
C HIS A 19 6.13 -30.31 -13.84
N MET A 20 6.95 -29.23 -13.72
CA MET A 20 8.00 -29.16 -12.70
C MET A 20 7.34 -28.75 -11.40
N THR A 21 8.00 -29.09 -10.29
CA THR A 21 7.47 -28.81 -8.97
C THR A 21 7.54 -27.32 -8.70
N GLU A 22 6.45 -26.76 -8.17
CA GLU A 22 6.34 -25.36 -7.84
C GLU A 22 6.10 -25.27 -6.34
N TYR A 23 7.00 -24.56 -5.61
CA TYR A 23 6.89 -24.38 -4.15
C TYR A 23 6.30 -23.00 -3.85
N LYS A 24 5.16 -23.00 -3.13
CA LYS A 24 4.41 -21.80 -2.72
C LYS A 24 4.92 -21.38 -1.35
N LEU A 25 5.88 -20.44 -1.36
CA LEU A 25 6.55 -19.92 -0.15
C LEU A 25 5.91 -18.61 0.33
N VAL A 26 5.87 -18.40 1.65
CA VAL A 26 5.26 -17.18 2.23
C VAL A 26 6.24 -16.53 3.23
N VAL A 27 6.53 -15.24 3.04
CA VAL A 27 7.40 -14.53 3.96
C VAL A 27 6.52 -13.84 5.01
N VAL A 28 6.78 -14.11 6.30
CA VAL A 28 6.07 -13.46 7.41
C VAL A 28 7.09 -12.89 8.36
N GLY A 29 6.78 -11.72 8.87
CA GLY A 29 7.63 -11.03 9.82
C GLY A 29 7.17 -9.63 10.10
N ALA A 30 7.79 -9.01 11.07
CA ALA A 30 7.50 -7.64 11.44
C ALA A 30 7.84 -6.64 10.31
N GLY A 31 7.06 -5.57 10.28
CA GLY A 31 7.28 -4.47 9.35
C GLY A 31 8.21 -3.41 9.92
N GLY A 32 8.65 -2.52 9.03
CA GLY A 32 9.51 -1.40 9.36
C GLY A 32 10.97 -1.73 9.59
N VAL A 33 11.39 -3.00 9.32
CA VAL A 33 12.74 -3.49 9.60
C VAL A 33 13.44 -4.20 8.38
N GLY A 34 13.09 -3.79 7.16
CA GLY A 34 13.72 -4.28 5.92
C GLY A 34 13.53 -5.72 5.48
N LYS A 35 12.47 -6.38 5.93
CA LYS A 35 12.08 -7.76 5.59
C LYS A 35 12.07 -8.02 4.08
N SER A 36 11.67 -7.01 3.29
CA SER A 36 11.58 -7.12 1.84
C SER A 36 12.88 -7.42 1.14
N ALA A 37 14.02 -7.10 1.76
CA ALA A 37 15.33 -7.33 1.18
C ALA A 37 15.62 -8.78 0.88
N LEU A 38 15.12 -9.70 1.71
CA LEU A 38 15.36 -11.14 1.59
C LEU A 38 14.96 -11.66 0.17
N THR A 39 13.68 -11.46 -0.20
CA THR A 39 13.12 -11.91 -1.47
C THR A 39 13.61 -11.08 -2.62
N ILE A 40 13.75 -9.78 -2.41
CA ILE A 40 14.21 -8.89 -3.47
C ILE A 40 15.57 -9.35 -3.89
N GLN A 41 16.48 -9.56 -2.93
CA GLN A 41 17.83 -10.01 -3.22
C GLN A 41 17.83 -11.36 -3.89
N LEU A 42 16.93 -12.29 -3.48
CA LEU A 42 16.86 -13.62 -4.09
C LEU A 42 16.58 -13.50 -5.57
N ILE A 43 15.45 -12.86 -5.92
CA ILE A 43 14.97 -12.71 -7.29
C ILE A 43 15.91 -11.87 -8.12
N GLN A 44 16.37 -10.74 -7.59
CA GLN A 44 17.34 -9.89 -8.28
C GLN A 44 18.49 -10.74 -8.78
N ASN A 45 18.63 -10.84 -10.12
CA ASN A 45 19.78 -11.55 -10.69
C ASN A 45 20.93 -10.73 -10.16
N HIS A 46 21.87 -11.37 -9.43
CA HIS A 46 23.00 -10.63 -8.87
C HIS A 46 23.62 -9.77 -10.00
N PHE A 47 24.16 -8.59 -9.62
CA PHE A 47 24.74 -7.60 -10.54
C PHE A 47 23.67 -6.81 -11.30
N VAL A 48 22.39 -6.85 -10.83
CA VAL A 48 21.28 -6.11 -11.41
C VAL A 48 20.48 -5.51 -10.24
N ASP A 49 20.42 -4.16 -10.15
CA ASP A 49 19.68 -3.44 -9.10
C ASP A 49 18.63 -2.50 -9.75
N GLU A 50 17.70 -3.09 -10.54
CA GLU A 50 16.63 -2.38 -11.26
C GLU A 50 15.29 -3.14 -11.02
N TYR A 51 14.95 -3.38 -9.73
CA TYR A 51 13.73 -4.12 -9.31
C TYR A 51 12.41 -3.43 -9.65
N ASP A 52 11.43 -4.23 -10.12
CA ASP A 52 10.09 -3.76 -10.44
C ASP A 52 9.09 -4.77 -9.85
N PRO A 53 8.46 -4.46 -8.70
CA PRO A 53 7.53 -5.43 -8.08
C PRO A 53 6.23 -5.68 -8.84
N THR A 54 5.90 -4.84 -9.82
CA THR A 54 4.63 -4.96 -10.56
C THR A 54 4.57 -6.11 -11.59
N ILE A 55 5.69 -6.80 -11.90
CA ILE A 55 5.70 -7.88 -12.88
C ILE A 55 5.82 -9.29 -12.26
N GLU A 56 5.32 -10.32 -12.98
CA GLU A 56 5.28 -11.74 -12.56
C GLU A 56 6.65 -12.36 -12.16
N ASP A 57 7.70 -12.04 -12.92
CA ASP A 57 9.06 -12.55 -12.67
C ASP A 57 9.69 -12.00 -11.40
N SER A 58 9.07 -10.93 -10.81
CA SER A 58 9.56 -10.30 -9.59
C SER A 58 9.34 -11.19 -8.34
N TYR A 59 8.40 -12.16 -8.38
CA TYR A 59 8.11 -13.10 -7.28
C TYR A 59 8.23 -14.60 -7.66
N ARG A 60 8.74 -14.93 -8.87
CA ARG A 60 8.89 -16.32 -9.35
C ARG A 60 10.31 -16.57 -9.82
N LYS A 61 10.91 -17.71 -9.45
CA LYS A 61 12.28 -17.99 -9.81
C LYS A 61 12.53 -19.46 -9.97
N GLN A 62 13.07 -19.84 -11.13
CA GLN A 62 13.42 -21.21 -11.40
C GLN A 62 14.79 -21.41 -10.79
N VAL A 63 14.92 -22.44 -10.00
CA VAL A 63 16.13 -22.75 -9.27
C VAL A 63 16.40 -24.25 -9.39
N VAL A 64 17.63 -24.64 -9.08
CA VAL A 64 18.05 -26.04 -9.05
C VAL A 64 18.52 -26.26 -7.64
N ILE A 65 17.79 -27.08 -6.87
CA ILE A 65 18.13 -27.37 -5.48
C ILE A 65 18.40 -28.86 -5.40
N ASP A 66 19.66 -29.23 -5.07
CA ASP A 66 20.09 -30.63 -4.97
C ASP A 66 19.89 -31.35 -6.33
N GLY A 67 20.17 -30.63 -7.43
CA GLY A 67 20.01 -31.16 -8.79
C GLY A 67 18.58 -31.45 -9.26
N GLU A 68 17.56 -31.04 -8.46
CA GLU A 68 16.16 -31.21 -8.79
C GLU A 68 15.62 -29.79 -9.05
N THR A 69 15.35 -29.48 -10.33
CA THR A 69 14.84 -28.17 -10.76
C THR A 69 13.42 -27.99 -10.24
N CYS A 70 13.12 -26.75 -9.81
CA CYS A 70 11.82 -26.37 -9.30
C CYS A 70 11.58 -24.89 -9.51
N LEU A 71 10.33 -24.47 -9.32
CA LEU A 71 9.96 -23.08 -9.39
C LEU A 71 9.55 -22.65 -8.00
N LEU A 72 10.07 -21.49 -7.54
CA LEU A 72 9.72 -20.94 -6.25
C LEU A 72 8.81 -19.75 -6.46
N ASP A 73 7.60 -19.80 -5.90
CA ASP A 73 6.66 -18.69 -5.92
C ASP A 73 6.69 -18.12 -4.51
N ILE A 74 7.17 -16.87 -4.36
CA ILE A 74 7.32 -16.25 -3.04
C ILE A 74 6.31 -15.14 -2.83
N LEU A 75 5.49 -15.26 -1.76
CA LEU A 75 4.53 -14.22 -1.34
C LEU A 75 5.14 -13.39 -0.21
N ASP A 76 5.38 -12.11 -0.46
CA ASP A 76 5.90 -11.19 0.52
C ASP A 76 4.99 -10.00 0.52
N THR A 77 4.16 -9.87 1.58
CA THR A 77 3.21 -8.76 1.69
C THR A 77 3.78 -7.57 2.44
N ALA A 78 5.11 -7.37 2.36
CA ALA A 78 5.81 -6.25 2.96
C ALA A 78 5.03 -4.96 2.70
N GLY A 79 4.66 -4.25 3.76
CA GLY A 79 3.91 -3.00 3.72
C GLY A 79 2.47 -3.10 4.19
N GLN A 80 1.89 -4.31 4.15
CA GLN A 80 0.50 -4.54 4.54
C GLN A 80 0.33 -5.10 5.96
N GLU A 81 1.22 -4.73 6.87
CA GLU A 81 1.19 -5.24 8.24
C GLU A 81 0.03 -4.74 9.03
N GLU A 82 -0.48 -3.53 8.74
CA GLU A 82 -1.66 -3.02 9.43
C GLU A 82 -2.95 -3.77 9.06
N TYR A 83 -2.96 -4.49 7.95
CA TYR A 83 -4.10 -5.32 7.58
C TYR A 83 -3.91 -6.62 8.34
N SER A 84 -3.92 -6.55 9.68
CA SER A 84 -3.67 -7.69 10.56
C SER A 84 -4.65 -8.85 10.40
N ALA A 85 -5.89 -8.57 9.96
CA ALA A 85 -6.88 -9.61 9.76
C ALA A 85 -6.75 -10.34 8.42
N MET A 86 -5.80 -9.92 7.55
CA MET A 86 -5.49 -10.57 6.28
C MET A 86 -4.37 -11.59 6.38
N ARG A 87 -3.66 -11.68 7.53
CA ARG A 87 -2.56 -12.64 7.68
C ARG A 87 -2.99 -14.06 7.40
N ASP A 88 -4.15 -14.47 7.91
CA ASP A 88 -4.65 -15.85 7.68
C ASP A 88 -4.91 -16.13 6.18
N GLN A 89 -5.53 -15.18 5.47
CA GLN A 89 -5.74 -15.26 4.02
C GLN A 89 -4.39 -15.56 3.33
N TYR A 90 -3.39 -14.73 3.63
CA TYR A 90 -2.08 -14.85 3.03
C TYR A 90 -1.29 -16.10 3.45
N MET A 91 -1.26 -16.39 4.75
CA MET A 91 -0.54 -17.57 5.25
C MET A 91 -1.11 -18.86 4.65
N ARG A 92 -2.45 -18.96 4.55
CA ARG A 92 -3.19 -20.11 3.99
C ARG A 92 -2.72 -20.53 2.60
N THR A 93 -2.14 -19.60 1.80
CA THR A 93 -1.66 -19.87 0.43
C THR A 93 -0.34 -20.64 0.34
N GLY A 94 0.43 -20.72 1.44
CA GLY A 94 1.75 -21.34 1.44
C GLY A 94 1.88 -22.76 1.96
N GLU A 95 2.95 -23.44 1.51
CA GLU A 95 3.38 -24.75 1.97
C GLU A 95 4.54 -24.56 2.98
N GLY A 96 5.37 -23.56 2.70
CA GLY A 96 6.51 -23.23 3.54
C GLY A 96 6.53 -21.77 3.88
N PHE A 97 7.18 -21.46 5.00
CA PHE A 97 7.24 -20.12 5.55
C PHE A 97 8.62 -19.75 6.02
N LEU A 98 9.03 -18.51 5.71
CA LEU A 98 10.24 -17.91 6.21
C LEU A 98 9.76 -16.95 7.23
N CYS A 99 10.09 -17.19 8.51
CA CYS A 99 9.71 -16.30 9.61
C CYS A 99 10.88 -15.38 9.82
N VAL A 100 10.76 -14.15 9.36
CA VAL A 100 11.84 -13.17 9.31
C VAL A 100 11.78 -12.13 10.44
N PHE A 101 12.94 -11.87 11.06
CA PHE A 101 13.11 -10.85 12.08
C PHE A 101 14.40 -10.09 11.76
N ALA A 102 14.59 -8.90 12.34
CA ALA A 102 15.79 -8.10 12.13
C ALA A 102 16.70 -8.27 13.32
N ILE A 103 18.01 -8.53 13.08
CA ILE A 103 18.95 -8.76 14.18
C ILE A 103 19.25 -7.49 15.03
N ASN A 104 18.77 -6.29 14.60
CA ASN A 104 18.90 -4.99 15.28
C ASN A 104 17.56 -4.54 15.92
N ASN A 105 16.55 -5.42 15.96
CA ASN A 105 15.24 -5.10 16.49
C ASN A 105 14.70 -6.28 17.32
N THR A 106 14.82 -6.19 18.64
CA THR A 106 14.36 -7.24 19.54
C THR A 106 12.84 -7.49 19.49
N LYS A 107 12.03 -6.46 19.23
CA LYS A 107 10.58 -6.62 19.14
C LYS A 107 10.21 -7.52 17.95
N SER A 108 10.89 -7.36 16.80
CA SER A 108 10.69 -8.23 15.62
C SER A 108 11.08 -9.67 15.93
N PHE A 109 12.04 -9.88 16.83
CA PHE A 109 12.44 -11.22 17.26
C PHE A 109 11.38 -11.82 18.20
N GLU A 110 10.92 -11.02 19.15
CA GLU A 110 9.90 -11.44 20.12
C GLU A 110 8.57 -11.76 19.46
N ASP A 111 8.26 -11.08 18.33
CA ASP A 111 7.04 -11.30 17.52
C ASP A 111 7.00 -12.66 16.78
N ILE A 112 8.13 -13.36 16.60
CA ILE A 112 8.18 -14.66 15.90
C ILE A 112 7.29 -15.70 16.58
N HIS A 113 7.24 -15.71 17.92
CA HIS A 113 6.45 -16.74 18.58
C HIS A 113 5.00 -16.71 18.13
N GLN A 114 4.41 -15.54 17.91
CA GLN A 114 3.03 -15.44 17.46
C GLN A 114 2.85 -15.71 15.96
N TYR A 115 3.84 -15.38 15.11
CA TYR A 115 3.73 -15.66 13.69
C TYR A 115 3.65 -17.17 13.49
N ARG A 116 4.52 -17.88 14.18
CA ARG A 116 4.54 -19.34 14.14
C ARG A 116 3.21 -19.90 14.66
N GLU A 117 2.68 -19.34 15.75
CA GLU A 117 1.42 -19.83 16.32
C GLU A 117 0.28 -19.70 15.36
N GLN A 118 0.26 -18.60 14.58
CA GLN A 118 -0.77 -18.38 13.58
C GLN A 118 -0.62 -19.32 12.43
N ILE A 119 0.62 -19.53 11.93
CA ILE A 119 0.91 -20.43 10.78
C ILE A 119 0.41 -21.86 11.13
N LYS A 120 0.75 -22.34 12.33
CA LYS A 120 0.31 -23.65 12.88
C LYS A 120 -1.22 -23.73 12.91
N ARG A 121 -1.86 -22.65 13.38
CA ARG A 121 -3.31 -22.55 13.47
C ARG A 121 -3.96 -22.49 12.08
N VAL A 122 -3.34 -21.79 11.11
CA VAL A 122 -3.88 -21.69 9.74
C VAL A 122 -3.79 -23.03 9.01
N LYS A 123 -2.64 -23.73 9.17
CA LYS A 123 -2.38 -24.99 8.52
C LYS A 123 -2.89 -26.20 9.31
N ASP A 124 -3.46 -25.99 10.53
CA ASP A 124 -3.97 -27.08 11.39
C ASP A 124 -2.92 -28.19 11.57
N SER A 125 -1.66 -27.78 11.78
CA SER A 125 -0.53 -28.67 11.91
C SER A 125 0.54 -28.08 12.83
N ASP A 126 1.20 -28.93 13.63
CA ASP A 126 2.30 -28.52 14.49
C ASP A 126 3.60 -28.70 13.76
N ASP A 127 3.59 -29.39 12.60
CA ASP A 127 4.79 -29.67 11.81
C ASP A 127 4.65 -29.04 10.43
N VAL A 128 4.81 -27.71 10.38
CA VAL A 128 4.72 -26.97 9.13
C VAL A 128 6.15 -26.70 8.60
N PRO A 129 6.49 -27.03 7.32
CA PRO A 129 7.82 -26.65 6.80
C PRO A 129 8.06 -25.17 7.06
N MET A 130 9.06 -24.88 7.86
CA MET A 130 9.29 -23.51 8.34
C MET A 130 10.76 -23.33 8.66
N VAL A 131 11.17 -22.09 8.53
CA VAL A 131 12.55 -21.67 8.68
C VAL A 131 12.58 -20.32 9.42
N LEU A 132 13.58 -20.11 10.28
CA LEU A 132 13.74 -18.84 10.98
C LEU A 132 14.85 -18.06 10.27
N VAL A 133 14.56 -16.82 9.88
CA VAL A 133 15.52 -15.96 9.21
C VAL A 133 15.83 -14.69 10.01
N GLY A 134 17.10 -14.52 10.37
CA GLY A 134 17.64 -13.34 11.04
C GLY A 134 18.28 -12.44 9.98
N ASN A 135 17.63 -11.33 9.67
CA ASN A 135 18.06 -10.40 8.61
C ASN A 135 18.87 -9.21 9.17
N LYS A 136 20.07 -8.96 8.64
CA LYS A 136 20.94 -7.83 9.00
C LYS A 136 20.63 -6.74 7.96
N CYS A 137 19.58 -5.92 8.24
CA CYS A 137 19.01 -4.90 7.34
C CYS A 137 19.84 -3.61 7.26
N ASP A 138 20.68 -3.36 8.26
CA ASP A 138 21.53 -2.18 8.25
C ASP A 138 22.74 -2.37 9.17
N LEU A 139 23.61 -1.36 9.21
CA LEU A 139 24.79 -1.37 10.06
C LEU A 139 24.48 -0.84 11.50
N ALA A 140 23.17 -0.71 11.89
CA ALA A 140 22.81 -0.40 13.28
C ALA A 140 23.23 -1.61 14.14
N ALA A 141 23.34 -1.40 15.44
CA ALA A 141 23.82 -2.43 16.36
C ALA A 141 22.94 -3.67 16.46
N ARG A 142 23.59 -4.83 16.57
CA ARG A 142 22.92 -6.11 16.76
C ARG A 142 22.41 -6.15 18.18
N THR A 143 21.11 -6.41 18.36
CA THR A 143 20.48 -6.56 19.67
C THR A 143 20.05 -8.00 19.91
N VAL A 144 20.11 -8.84 18.88
CA VAL A 144 19.68 -10.24 18.94
C VAL A 144 20.93 -11.06 18.61
N GLU A 145 21.46 -11.77 19.62
CA GLU A 145 22.63 -12.60 19.42
C GLU A 145 22.23 -13.88 18.76
N SER A 146 23.12 -14.39 17.89
CA SER A 146 22.84 -15.59 17.13
C SER A 146 22.45 -16.74 18.04
N ARG A 147 23.08 -16.84 19.23
CA ARG A 147 22.77 -17.92 20.18
C ARG A 147 21.30 -17.90 20.61
N GLN A 148 20.70 -16.70 20.83
CA GLN A 148 19.29 -16.55 21.21
C GLN A 148 18.39 -17.12 20.15
N ALA A 149 18.70 -16.80 18.87
CA ALA A 149 17.95 -17.23 17.69
C ALA A 149 18.15 -18.69 17.43
N GLN A 150 19.39 -19.20 17.50
CA GLN A 150 19.67 -20.63 17.35
C GLN A 150 18.86 -21.41 18.41
N ASP A 151 18.82 -20.89 19.66
CA ASP A 151 18.08 -21.49 20.78
C ASP A 151 16.58 -21.51 20.51
N LEU A 152 16.02 -20.36 20.08
CA LEU A 152 14.59 -20.24 19.72
C LEU A 152 14.25 -21.23 18.62
N ALA A 153 15.06 -21.24 17.52
CA ALA A 153 14.84 -22.13 16.39
C ALA A 153 14.88 -23.59 16.81
N ARG A 154 15.76 -23.93 17.78
CA ARG A 154 15.88 -25.30 18.29
C ARG A 154 14.65 -25.71 19.07
N SER A 155 14.16 -24.82 19.94
CA SER A 155 12.94 -25.07 20.76
C SER A 155 11.73 -25.41 19.91
N TYR A 156 11.64 -24.81 18.70
CA TYR A 156 10.56 -25.05 17.72
C TYR A 156 10.89 -26.24 16.77
N GLY A 157 12.18 -26.59 16.65
CA GLY A 157 12.62 -27.66 15.78
C GLY A 157 12.70 -27.22 14.33
N ILE A 158 13.25 -26.04 14.07
CA ILE A 158 13.37 -25.55 12.70
C ILE A 158 14.77 -24.96 12.47
N PRO A 159 15.21 -24.87 11.22
CA PRO A 159 16.51 -24.23 10.96
C PRO A 159 16.54 -22.74 11.25
N TYR A 160 17.76 -22.24 11.49
CA TYR A 160 18.02 -20.83 11.66
C TYR A 160 19.01 -20.41 10.59
N ILE A 161 18.67 -19.38 9.79
CA ILE A 161 19.59 -18.85 8.77
C ILE A 161 19.74 -17.33 8.99
N GLU A 162 20.98 -16.79 8.95
CA GLU A 162 21.20 -15.36 9.07
C GLU A 162 21.55 -14.82 7.71
N THR A 163 20.97 -13.66 7.35
CA THR A 163 21.24 -13.07 6.04
C THR A 163 21.69 -11.62 6.16
N SER A 164 22.37 -11.14 5.12
CA SER A 164 22.78 -9.75 5.02
C SER A 164 22.01 -9.13 3.87
N ALA A 165 21.39 -7.95 4.10
CA ALA A 165 20.63 -7.23 3.08
C ALA A 165 21.61 -6.51 2.10
N LYS A 166 22.82 -6.19 2.54
CA LYS A 166 23.76 -5.53 1.62
C LYS A 166 24.52 -6.54 0.75
N THR A 167 25.11 -7.56 1.36
CA THR A 167 25.98 -8.50 0.66
C THR A 167 25.32 -9.67 -0.02
N ARG A 168 24.04 -9.95 0.27
CA ARG A 168 23.30 -11.09 -0.30
C ARG A 168 23.73 -12.41 0.34
N GLN A 169 24.53 -12.36 1.40
CA GLN A 169 25.03 -13.53 2.09
C GLN A 169 23.88 -14.19 2.86
N GLY A 170 23.68 -15.48 2.63
CA GLY A 170 22.65 -16.28 3.29
C GLY A 170 21.30 -16.35 2.64
N VAL A 171 21.00 -15.51 1.62
CA VAL A 171 19.69 -15.46 0.99
C VAL A 171 19.33 -16.81 0.32
N GLU A 172 20.21 -17.35 -0.55
CA GLU A 172 19.98 -18.68 -1.17
C GLU A 172 19.81 -19.74 -0.12
N ASP A 173 20.69 -19.75 0.87
CA ASP A 173 20.66 -20.73 1.95
C ASP A 173 19.32 -20.72 2.68
N ALA A 174 18.74 -19.54 2.94
CA ALA A 174 17.46 -19.41 3.64
C ALA A 174 16.35 -20.04 2.82
N PHE A 175 16.25 -19.66 1.56
CA PHE A 175 15.26 -20.22 0.66
C PHE A 175 15.46 -21.73 0.35
N TYR A 176 16.68 -22.12 -0.03
CA TYR A 176 16.98 -23.52 -0.33
C TYR A 176 16.77 -24.41 0.89
N THR A 177 17.10 -23.93 2.09
CA THR A 177 16.83 -24.71 3.30
C THR A 177 15.33 -24.98 3.47
N LEU A 178 14.45 -23.99 3.15
CA LEU A 178 12.99 -24.19 3.24
C LEU A 178 12.51 -25.24 2.25
N VAL A 179 12.90 -25.12 1.00
CA VAL A 179 12.55 -26.12 -0.02
C VAL A 179 12.90 -27.55 0.49
N ARG A 180 14.10 -27.71 1.08
CA ARG A 180 14.53 -28.97 1.68
C ARG A 180 13.56 -29.35 2.82
N GLU A 181 13.17 -28.41 3.71
CA GLU A 181 12.21 -28.71 4.78
C GLU A 181 10.85 -29.22 4.25
N ILE A 182 10.39 -28.67 3.11
CA ILE A 182 9.12 -29.09 2.49
C ILE A 182 9.29 -30.51 1.91
N ARG A 183 10.35 -30.68 1.11
CA ARG A 183 10.71 -31.94 0.47
C ARG A 183 10.88 -33.09 1.46
N GLN A 184 11.49 -32.82 2.62
CA GLN A 184 11.75 -33.81 3.67
C GLN A 184 10.60 -33.90 4.69
N HIS A 185 9.45 -33.26 4.41
CA HIS A 185 8.31 -33.25 5.33
C HIS A 185 7.61 -34.61 5.34
N GLN B 4 23.67 28.15 -31.59
CA GLN B 4 24.42 27.89 -30.35
C GLN B 4 24.45 29.17 -29.47
N MET B 5 23.88 29.09 -28.25
CA MET B 5 23.78 30.22 -27.32
C MET B 5 24.86 30.22 -26.22
N ARG B 6 25.42 31.40 -25.90
CA ARG B 6 26.49 31.57 -24.90
C ARG B 6 25.90 31.86 -23.53
N LEU B 7 26.11 30.93 -22.58
CA LEU B 7 25.61 31.00 -21.22
C LEU B 7 26.79 31.38 -20.32
N PRO B 8 26.54 31.99 -19.13
CA PRO B 8 27.66 32.35 -18.24
C PRO B 8 28.51 31.17 -17.76
N SER B 9 29.60 31.49 -17.04
CA SER B 9 30.51 30.46 -16.52
C SER B 9 29.88 29.72 -15.36
N ALA B 10 30.12 28.40 -15.28
CA ALA B 10 29.64 27.58 -14.16
C ALA B 10 30.13 28.12 -12.81
N ASP B 11 31.31 28.81 -12.83
CA ASP B 11 31.93 29.47 -11.65
C ASP B 11 31.00 30.56 -11.06
N VAL B 12 30.16 31.19 -11.89
CA VAL B 12 29.20 32.23 -11.47
C VAL B 12 27.78 31.69 -11.39
N TYR B 13 27.36 30.89 -12.39
CA TYR B 13 26.03 30.31 -12.45
C TYR B 13 26.15 28.79 -12.60
N ARG B 14 25.89 28.05 -11.49
CA ARG B 14 26.02 26.59 -11.40
C ARG B 14 25.24 25.75 -12.45
N PHE B 15 24.10 26.26 -12.94
CA PHE B 15 23.23 25.56 -13.90
C PHE B 15 23.70 25.69 -15.37
N ALA B 16 24.78 26.45 -15.61
CA ALA B 16 25.36 26.61 -16.95
C ALA B 16 26.22 25.43 -17.34
N GLU B 17 26.76 24.69 -16.35
CA GLU B 17 27.64 23.53 -16.59
C GLU B 17 27.04 22.62 -17.65
N PRO B 18 27.78 22.24 -18.71
CA PRO B 18 27.19 21.35 -19.73
C PRO B 18 26.87 19.94 -19.25
N ASP B 19 26.02 19.23 -20.01
CA ASP B 19 25.62 17.85 -19.71
C ASP B 19 26.77 16.90 -19.99
N SER B 20 26.92 15.86 -19.15
CA SER B 20 27.89 14.78 -19.32
C SER B 20 27.36 13.52 -18.66
N GLU B 21 28.06 12.40 -18.82
CA GLU B 21 27.70 11.13 -18.16
C GLU B 21 27.90 11.25 -16.65
N GLU B 22 28.79 12.16 -16.22
CA GLU B 22 29.10 12.44 -14.81
C GLU B 22 28.00 13.23 -14.07
N ASN B 23 27.03 13.84 -14.81
CA ASN B 23 26.00 14.65 -14.14
C ASN B 23 24.54 14.38 -14.59
N ILE B 24 24.29 13.73 -15.71
CA ILE B 24 22.91 13.48 -16.15
C ILE B 24 22.86 12.37 -17.21
N ILE B 25 21.94 11.42 -17.02
CA ILE B 25 21.75 10.28 -17.91
C ILE B 25 20.28 10.04 -18.14
N PHE B 26 19.97 9.37 -19.25
CA PHE B 26 18.61 9.17 -19.71
C PHE B 26 18.28 7.74 -19.96
N GLU B 27 16.99 7.48 -20.11
CA GLU B 27 16.42 6.18 -20.50
C GLU B 27 16.40 6.19 -22.02
N GLU B 28 16.33 4.99 -22.64
CA GLU B 28 16.28 4.88 -24.11
C GLU B 28 14.96 5.45 -24.68
N ASN B 29 13.82 5.27 -23.95
CA ASN B 29 12.51 5.77 -24.38
C ASN B 29 12.33 7.29 -24.21
N MET B 30 11.21 7.81 -24.76
CA MET B 30 10.83 9.22 -24.75
C MET B 30 9.44 9.36 -24.16
N GLN B 31 9.08 10.57 -23.69
CA GLN B 31 7.76 10.81 -23.10
C GLN B 31 6.66 10.44 -24.08
N PRO B 32 5.78 9.49 -23.66
CA PRO B 32 4.77 8.91 -24.62
C PRO B 32 4.01 9.88 -25.54
N LYS B 33 3.52 11.00 -24.97
CA LYS B 33 2.72 12.00 -25.66
C LYS B 33 3.50 13.28 -26.01
N ALA B 34 4.71 13.51 -25.44
CA ALA B 34 5.45 14.78 -25.57
C ALA B 34 6.78 14.78 -26.31
N GLY B 35 7.39 13.62 -26.58
CA GLY B 35 8.67 13.55 -27.27
C GLY B 35 9.87 14.07 -26.50
N ILE B 36 9.71 14.27 -25.22
CA ILE B 36 10.72 14.78 -24.30
C ILE B 36 11.55 13.59 -23.83
N PRO B 37 12.88 13.71 -23.68
CA PRO B 37 13.65 12.58 -23.15
C PRO B 37 13.34 12.31 -21.68
N ILE B 38 13.42 11.04 -21.28
CA ILE B 38 13.15 10.62 -19.91
C ILE B 38 14.45 10.60 -19.09
N ILE B 39 14.52 11.41 -18.02
CA ILE B 39 15.71 11.43 -17.14
C ILE B 39 15.73 10.16 -16.26
N LYS B 40 16.84 9.43 -16.27
CA LYS B 40 17.06 8.23 -15.44
C LYS B 40 17.70 8.64 -14.10
N ALA B 41 18.75 9.45 -14.20
CA ALA B 41 19.47 9.95 -13.04
C ALA B 41 20.22 11.22 -13.40
N GLY B 42 20.53 11.99 -12.37
CA GLY B 42 21.30 13.21 -12.53
C GLY B 42 21.59 13.87 -11.19
N THR B 43 22.43 14.89 -11.18
CA THR B 43 22.75 15.62 -9.96
C THR B 43 21.58 16.52 -9.62
N VAL B 44 21.51 17.00 -8.38
CA VAL B 44 20.40 17.87 -7.99
C VAL B 44 20.36 19.16 -8.86
N ILE B 45 21.53 19.72 -9.23
CA ILE B 45 21.62 20.90 -10.09
C ILE B 45 21.02 20.60 -11.47
N LYS B 46 21.47 19.49 -12.08
CA LYS B 46 20.97 19.04 -13.38
C LYS B 46 19.47 18.73 -13.33
N LEU B 47 18.96 18.21 -12.20
CA LEU B 47 17.52 17.91 -12.07
C LEU B 47 16.78 19.21 -11.97
N ILE B 48 17.27 20.16 -11.19
CA ILE B 48 16.67 21.50 -11.07
C ILE B 48 16.72 22.23 -12.42
N GLU B 49 17.83 22.09 -13.18
CA GLU B 49 17.96 22.72 -14.51
C GLU B 49 16.85 22.25 -15.42
N ARG B 50 16.60 20.93 -15.45
CA ARG B 50 15.55 20.33 -16.27
C ARG B 50 14.14 20.54 -15.76
N LEU B 51 13.99 20.89 -14.48
CA LEU B 51 12.70 21.18 -13.86
C LEU B 51 12.23 22.55 -14.38
N THR B 52 13.21 23.44 -14.60
CA THR B 52 13.03 24.79 -15.09
C THR B 52 13.82 24.98 -16.41
N TYR B 53 13.73 24.00 -17.34
CA TYR B 53 14.48 24.02 -18.62
C TYR B 53 13.97 25.11 -19.56
N HIS B 54 14.85 25.72 -20.34
CA HIS B 54 14.49 26.81 -21.21
C HIS B 54 13.87 26.37 -22.55
N MET B 55 14.37 25.28 -23.14
CA MET B 55 13.87 24.81 -24.44
C MET B 55 12.41 24.38 -24.45
N TYR B 56 11.91 23.76 -23.38
CA TYR B 56 10.51 23.32 -23.32
C TYR B 56 10.03 23.13 -21.89
N ALA B 57 8.72 23.20 -21.70
CA ALA B 57 8.09 22.95 -20.40
C ALA B 57 7.98 21.43 -20.27
N ASP B 58 8.15 20.91 -19.03
CA ASP B 58 8.14 19.47 -18.75
C ASP B 58 7.16 19.18 -17.58
N PRO B 59 5.85 19.36 -17.80
CA PRO B 59 4.87 19.16 -16.72
C PRO B 59 4.95 17.82 -16.01
N ASN B 60 5.18 16.72 -16.73
CA ASN B 60 5.25 15.41 -16.08
C ASN B 60 6.39 15.34 -15.10
N PHE B 61 7.56 15.83 -15.51
CA PHE B 61 8.75 15.85 -14.66
C PHE B 61 8.52 16.73 -13.43
N VAL B 62 7.80 17.85 -13.59
CA VAL B 62 7.50 18.75 -12.48
C VAL B 62 6.57 18.09 -11.49
N ARG B 63 5.53 17.48 -12.02
CA ARG B 63 4.51 16.77 -11.27
C ARG B 63 5.15 15.62 -10.48
N THR B 64 6.05 14.86 -11.14
CA THR B 64 6.79 13.76 -10.53
C THR B 64 7.75 14.27 -9.49
N PHE B 65 8.52 15.29 -9.83
CA PHE B 65 9.54 15.82 -8.93
C PHE B 65 8.93 16.30 -7.63
N LEU B 66 7.95 17.21 -7.68
CA LEU B 66 7.35 17.77 -6.47
C LEU B 66 6.66 16.76 -5.59
N THR B 67 6.33 15.59 -6.13
CA THR B 67 5.75 14.51 -5.34
C THR B 67 6.84 13.75 -4.59
N THR B 68 8.02 13.54 -5.21
CA THR B 68 9.03 12.65 -4.68
C THR B 68 10.40 13.22 -4.35
N TYR B 69 10.57 14.52 -4.35
CA TYR B 69 11.90 15.11 -4.12
C TYR B 69 12.44 15.00 -2.67
N ARG B 70 11.56 14.86 -1.69
CA ARG B 70 11.94 14.96 -0.27
C ARG B 70 12.92 13.90 0.21
N SER B 71 13.14 12.81 -0.56
CA SER B 71 14.15 11.81 -0.25
C SER B 71 15.55 12.34 -0.50
N PHE B 72 15.74 12.98 -1.65
CA PHE B 72 17.03 13.50 -2.08
C PHE B 72 17.30 14.98 -1.83
N CYS B 73 16.28 15.78 -1.45
CA CYS B 73 16.44 17.24 -1.27
C CYS B 73 15.39 17.76 -0.26
N LYS B 74 15.79 18.63 0.68
CA LYS B 74 14.87 19.20 1.68
C LYS B 74 14.07 20.37 1.07
N PRO B 75 12.83 20.61 1.53
CA PRO B 75 12.06 21.75 0.98
C PRO B 75 12.80 23.07 0.99
N GLN B 76 13.44 23.37 2.10
CA GLN B 76 14.20 24.62 2.29
C GLN B 76 15.36 24.67 1.26
N GLU B 77 16.02 23.51 0.97
CA GLU B 77 17.11 23.41 -0.04
C GLU B 77 16.57 23.54 -1.48
N LEU B 78 15.35 23.01 -1.76
CA LEU B 78 14.71 23.14 -3.09
C LEU B 78 14.45 24.62 -3.40
N LEU B 79 13.84 25.34 -2.44
CA LEU B 79 13.52 26.77 -2.57
C LEU B 79 14.75 27.56 -2.90
N SER B 80 15.85 27.27 -2.20
CA SER B 80 17.12 27.95 -2.40
C SER B 80 17.62 27.69 -3.79
N LEU B 81 17.53 26.44 -4.24
CA LEU B 81 17.95 26.06 -5.58
C LEU B 81 17.14 26.78 -6.65
N ILE B 82 15.80 26.84 -6.52
CA ILE B 82 14.95 27.50 -7.55
C ILE B 82 15.13 29.01 -7.52
N ILE B 83 15.45 29.61 -6.35
CA ILE B 83 15.77 31.04 -6.26
C ILE B 83 17.12 31.29 -6.96
N GLU B 84 18.11 30.37 -6.77
CA GLU B 84 19.42 30.44 -7.41
C GLU B 84 19.29 30.34 -8.92
N ARG B 85 18.34 29.53 -9.39
CA ARG B 85 18.08 29.33 -10.82
C ARG B 85 17.50 30.61 -11.42
N PHE B 86 16.55 31.26 -10.73
CA PHE B 86 15.90 32.49 -11.19
C PHE B 86 16.88 33.63 -11.33
N GLU B 87 17.75 33.81 -10.32
CA GLU B 87 18.74 34.87 -10.28
C GLU B 87 19.87 34.52 -11.25
N ILE B 88 19.62 34.82 -12.55
CA ILE B 88 20.54 34.52 -13.67
C ILE B 88 21.44 35.72 -13.98
N PRO B 89 22.77 35.55 -13.97
CA PRO B 89 23.63 36.64 -14.41
C PRO B 89 23.77 36.61 -15.93
N GLU B 90 24.16 37.75 -16.53
CA GLU B 90 24.40 37.84 -17.98
C GLU B 90 25.83 37.29 -18.25
N PRO B 91 26.17 36.85 -19.49
CA PRO B 91 27.53 36.32 -19.74
C PRO B 91 28.66 37.37 -19.64
C LEU B 108 22.24 45.33 -27.60
N SER B 109 23.12 44.33 -27.47
CA SER B 109 23.68 43.63 -28.63
C SER B 109 22.74 42.50 -29.11
N ALA B 110 23.18 41.68 -30.10
CA ALA B 110 22.38 40.58 -30.64
C ALA B 110 22.27 39.43 -29.64
N GLU B 111 23.44 39.01 -29.11
CA GLU B 111 23.54 37.94 -28.10
C GLU B 111 22.80 38.27 -26.79
N LEU B 112 22.99 39.50 -26.24
CA LEU B 112 22.38 39.92 -24.97
C LEU B 112 20.85 40.04 -25.03
N LYS B 113 20.28 40.40 -26.18
CA LYS B 113 18.82 40.54 -26.35
C LYS B 113 18.16 39.17 -26.58
N ARG B 114 18.89 38.26 -27.27
CA ARG B 114 18.44 36.89 -27.55
C ARG B 114 18.44 36.08 -26.25
N PHE B 115 19.55 36.14 -25.49
CA PHE B 115 19.73 35.44 -24.22
C PHE B 115 18.58 35.80 -23.26
N ARG B 116 18.24 37.10 -23.18
CA ARG B 116 17.12 37.57 -22.35
C ARG B 116 15.78 36.92 -22.72
N LYS B 117 15.51 36.77 -24.03
CA LYS B 117 14.24 36.22 -24.52
C LYS B 117 14.22 34.68 -24.61
N GLU B 118 15.34 34.06 -25.01
CA GLU B 118 15.46 32.60 -25.20
C GLU B 118 16.02 31.83 -23.97
N TYR B 119 16.51 32.52 -22.92
CA TYR B 119 17.03 31.83 -21.74
C TYR B 119 16.49 32.39 -20.44
N ILE B 120 16.76 33.67 -20.13
CA ILE B 120 16.32 34.26 -18.86
C ILE B 120 14.81 34.27 -18.68
N GLN B 121 14.04 34.81 -19.63
CA GLN B 121 12.58 34.90 -19.46
C GLN B 121 11.94 33.51 -19.36
N PRO B 122 12.22 32.55 -20.28
CA PRO B 122 11.65 31.19 -20.14
C PRO B 122 12.04 30.49 -18.83
N VAL B 123 13.31 30.56 -18.40
CA VAL B 123 13.75 29.93 -17.16
C VAL B 123 13.07 30.55 -15.96
N GLN B 124 12.91 31.87 -15.94
CA GLN B 124 12.22 32.56 -14.85
C GLN B 124 10.73 32.17 -14.78
N LEU B 125 10.10 31.97 -15.94
CA LEU B 125 8.69 31.52 -15.97
C LEU B 125 8.57 30.10 -15.48
N ARG B 126 9.57 29.27 -15.77
CA ARG B 126 9.51 27.86 -15.39
C ARG B 126 9.69 27.70 -13.89
N VAL B 127 10.54 28.57 -13.25
CA VAL B 127 10.71 28.62 -11.79
C VAL B 127 9.37 29.04 -11.16
N LEU B 128 8.67 30.03 -11.74
CA LEU B 128 7.39 30.47 -11.20
C LEU B 128 6.32 29.40 -11.36
N ASN B 129 6.44 28.51 -12.37
CA ASN B 129 5.48 27.43 -12.54
C ASN B 129 5.69 26.39 -11.42
N VAL B 130 6.97 26.13 -11.08
CA VAL B 130 7.35 25.21 -10.00
C VAL B 130 6.73 25.73 -8.71
N CYS B 131 6.97 27.01 -8.40
CA CYS B 131 6.44 27.69 -7.22
C CYS B 131 4.93 27.52 -7.14
N ARG B 132 4.23 27.83 -8.26
CA ARG B 132 2.77 27.76 -8.34
C ARG B 132 2.27 26.36 -8.07
N HIS B 133 2.85 25.37 -8.77
CA HIS B 133 2.51 23.95 -8.63
C HIS B 133 2.76 23.42 -7.21
N TRP B 134 3.91 23.76 -6.64
CA TRP B 134 4.32 23.39 -5.27
C TRP B 134 3.28 23.83 -4.26
N VAL B 135 2.91 25.09 -4.35
CA VAL B 135 1.95 25.73 -3.45
C VAL B 135 0.54 25.17 -3.63
N GLU B 136 0.17 24.89 -4.87
CA GLU B 136 -1.15 24.38 -5.22
C GLU B 136 -1.34 22.90 -4.81
N HIS B 137 -0.38 22.03 -5.12
CA HIS B 137 -0.50 20.60 -4.93
C HIS B 137 0.25 20.02 -3.73
N HIS B 138 1.28 20.74 -3.17
CA HIS B 138 2.03 20.26 -1.99
C HIS B 138 2.18 21.34 -0.90
N PHE B 139 1.08 22.02 -0.56
CA PHE B 139 1.11 23.07 0.46
C PHE B 139 1.56 22.56 1.84
N TYR B 140 1.45 21.24 2.12
CA TYR B 140 1.91 20.61 3.37
C TYR B 140 3.36 20.98 3.74
N ASP B 141 4.23 21.16 2.74
CA ASP B 141 5.60 21.58 2.98
C ASP B 141 5.66 22.92 3.67
N PHE B 142 4.70 23.82 3.38
CA PHE B 142 4.60 25.18 3.94
C PHE B 142 3.84 25.24 5.28
N GLU B 143 2.81 24.36 5.46
CA GLU B 143 2.03 24.19 6.71
C GLU B 143 2.92 23.70 7.85
N ARG B 144 3.90 22.88 7.49
CA ARG B 144 4.84 22.24 8.40
C ARG B 144 6.12 23.04 8.57
N ASP B 145 6.34 24.08 7.78
CA ASP B 145 7.51 24.95 7.92
C ASP B 145 7.08 26.36 7.54
N ALA B 146 6.69 27.16 8.53
CA ALA B 146 6.27 28.54 8.28
C ALA B 146 7.40 29.43 7.75
N TYR B 147 8.68 29.10 8.05
CA TYR B 147 9.81 29.88 7.52
C TYR B 147 9.94 29.57 6.02
N LEU B 148 9.58 28.34 5.58
CA LEU B 148 9.60 27.99 4.16
C LEU B 148 8.61 28.92 3.45
N LEU B 149 7.41 29.11 4.04
CA LEU B 149 6.42 30.02 3.46
C LEU B 149 6.87 31.49 3.52
N GLN B 150 7.68 31.83 4.56
CA GLN B 150 8.23 33.17 4.72
C GLN B 150 9.15 33.46 3.53
N ARG B 151 10.12 32.59 3.30
CA ARG B 151 11.07 32.71 2.17
C ARG B 151 10.34 32.71 0.81
N MET B 152 9.28 31.88 0.65
CA MET B 152 8.52 31.79 -0.59
C MET B 152 7.77 33.11 -0.85
N GLU B 153 7.04 33.63 0.15
CA GLU B 153 6.35 34.91 0.00
C GLU B 153 7.36 36.05 -0.29
N GLU B 154 8.52 36.06 0.39
CA GLU B 154 9.56 37.07 0.19
C GLU B 154 10.03 37.06 -1.24
N PHE B 155 10.44 35.87 -1.74
CA PHE B 155 10.92 35.69 -3.11
C PHE B 155 9.91 36.19 -4.11
N ILE B 156 8.66 35.74 -3.99
CA ILE B 156 7.56 36.15 -4.85
C ILE B 156 7.38 37.66 -4.85
N GLY B 157 7.57 38.30 -3.70
CA GLY B 157 7.50 39.75 -3.55
C GLY B 157 8.59 40.48 -4.33
N THR B 158 9.81 39.93 -4.39
CA THR B 158 10.92 40.52 -5.15
C THR B 158 10.77 40.39 -6.66
N VAL B 159 9.88 39.51 -7.15
CA VAL B 159 9.73 39.29 -8.58
C VAL B 159 9.05 40.51 -9.20
N ARG B 160 9.62 40.98 -10.33
CA ARG B 160 9.17 42.19 -11.05
C ARG B 160 9.21 41.98 -12.59
N GLY B 161 8.44 42.79 -13.29
CA GLY B 161 8.36 42.79 -14.74
C GLY B 161 7.05 42.28 -15.31
N LYS B 162 6.71 42.76 -16.52
CA LYS B 162 5.53 42.29 -17.24
C LYS B 162 5.86 40.87 -17.70
N ALA B 163 4.85 39.98 -17.73
CA ALA B 163 4.95 38.53 -18.00
C ALA B 163 5.00 37.77 -16.67
N MET B 164 5.71 38.31 -15.64
CA MET B 164 5.82 37.71 -14.32
C MET B 164 4.61 38.07 -13.46
N LYS B 165 4.24 39.38 -13.42
CA LYS B 165 3.11 39.92 -12.62
C LYS B 165 1.85 39.03 -12.66
N LYS B 166 1.52 38.49 -13.83
CA LYS B 166 0.38 37.60 -14.03
C LYS B 166 0.52 36.33 -13.15
N TRP B 167 1.72 35.70 -13.11
CA TRP B 167 2.00 34.48 -12.32
C TRP B 167 2.19 34.81 -10.86
N VAL B 168 2.96 35.86 -10.55
CA VAL B 168 3.20 36.34 -9.18
C VAL B 168 1.86 36.62 -8.46
N GLU B 169 0.89 37.19 -9.18
CA GLU B 169 -0.44 37.45 -8.63
C GLU B 169 -1.21 36.15 -8.41
N SER B 170 -1.13 35.21 -9.38
CA SER B 170 -1.84 33.91 -9.27
C SER B 170 -1.28 33.07 -8.10
N ILE B 171 0.06 33.08 -7.92
CA ILE B 171 0.73 32.40 -6.81
C ILE B 171 0.26 33.02 -5.50
N THR B 172 0.19 34.37 -5.44
CA THR B 172 -0.24 35.09 -4.24
C THR B 172 -1.70 34.77 -3.89
N LYS B 173 -2.56 34.55 -4.88
CA LYS B 173 -3.95 34.17 -4.63
C LYS B 173 -4.00 32.75 -4.10
N ILE B 174 -3.14 31.83 -4.60
CA ILE B 174 -3.14 30.43 -4.12
C ILE B 174 -2.65 30.39 -2.66
N ILE B 175 -1.53 31.06 -2.34
CA ILE B 175 -0.99 31.07 -0.99
C ILE B 175 -2.07 31.45 0.02
N GLN B 176 -2.76 32.57 -0.22
CA GLN B 176 -3.83 33.05 0.67
C GLN B 176 -5.07 32.12 0.71
N ARG B 177 -5.41 31.46 -0.39
CA ARG B 177 -6.52 30.49 -0.35
C ARG B 177 -6.13 29.30 0.54
N LYS B 178 -4.86 28.84 0.42
CA LYS B 178 -4.33 27.74 1.19
C LYS B 178 -4.20 28.10 2.68
N LYS B 179 -3.94 29.37 2.99
CA LYS B 179 -3.94 29.84 4.38
C LYS B 179 -5.39 29.83 4.92
N ILE B 180 -6.39 30.28 4.12
CA ILE B 180 -7.82 30.35 4.52
C ILE B 180 -8.35 29.00 5.04
N ALA B 181 -8.14 27.92 4.28
CA ALA B 181 -8.54 26.55 4.65
C ALA B 181 -10.02 26.42 5.05
N PHE B 192 -23.22 16.07 -7.61
CA PHE B 192 -23.22 16.64 -8.96
C PHE B 192 -23.72 15.60 -10.03
N GLN B 193 -24.84 14.92 -9.72
CA GLN B 193 -25.43 13.87 -10.57
C GLN B 193 -26.99 14.00 -10.57
N SER B 194 -27.69 12.93 -11.07
CA SER B 194 -29.15 12.74 -11.01
C SER B 194 -29.52 12.17 -9.60
N SER B 195 -30.79 11.81 -9.37
CA SER B 195 -31.23 11.28 -8.06
C SER B 195 -30.64 9.88 -7.71
N PRO B 196 -30.17 9.68 -6.45
CA PRO B 196 -29.62 8.36 -6.05
C PRO B 196 -30.74 7.39 -5.69
N PRO B 197 -30.44 6.09 -5.58
CA PRO B 197 -31.50 5.14 -5.22
C PRO B 197 -32.12 5.33 -3.85
N THR B 198 -33.31 4.77 -3.70
CA THR B 198 -34.02 4.83 -2.43
C THR B 198 -33.28 3.99 -1.37
N VAL B 199 -33.13 4.56 -0.17
CA VAL B 199 -32.51 3.86 0.96
C VAL B 199 -33.40 2.68 1.31
N GLU B 200 -32.76 1.52 1.50
CA GLU B 200 -33.39 0.25 1.84
C GLU B 200 -33.42 -0.02 3.36
N TRP B 201 -34.58 -0.48 3.88
CA TRP B 201 -34.78 -0.88 5.29
C TRP B 201 -35.34 -2.28 5.33
N HIS B 202 -34.93 -3.09 6.33
CA HIS B 202 -35.40 -4.46 6.52
C HIS B 202 -36.19 -4.54 7.86
N ILE B 203 -35.68 -5.21 8.91
CA ILE B 203 -36.36 -5.31 10.20
C ILE B 203 -36.20 -3.99 10.97
N SER B 204 -34.97 -3.47 11.00
CA SER B 204 -34.71 -2.22 11.70
C SER B 204 -35.42 -1.06 10.98
N ARG B 205 -36.00 -0.16 11.74
CA ARG B 205 -36.72 0.96 11.14
C ARG B 205 -35.87 2.22 11.21
N PRO B 206 -36.16 3.23 10.37
CA PRO B 206 -35.39 4.47 10.45
C PRO B 206 -35.44 5.07 11.86
N GLY B 207 -34.29 5.48 12.36
CA GLY B 207 -34.17 6.04 13.70
C GLY B 207 -33.99 5.06 14.84
N HIS B 208 -34.35 3.79 14.65
CA HIS B 208 -34.25 2.76 15.69
C HIS B 208 -32.87 2.13 15.68
N ILE B 209 -31.89 2.94 16.06
CA ILE B 209 -30.46 2.58 16.07
C ILE B 209 -30.08 1.44 17.06
N GLU B 210 -30.95 1.19 18.04
CA GLU B 210 -30.71 0.25 19.12
C GLU B 210 -30.87 -1.20 18.63
N THR B 211 -31.69 -1.38 17.56
CA THR B 211 -31.94 -2.67 16.94
C THR B 211 -30.98 -2.94 15.75
N PHE B 212 -30.12 -1.95 15.34
CA PHE B 212 -29.24 -2.14 14.18
C PHE B 212 -28.25 -3.25 14.45
N ASP B 213 -28.18 -4.20 13.50
CA ASP B 213 -27.26 -5.34 13.54
C ASP B 213 -27.08 -5.86 12.10
N LEU B 214 -26.27 -6.91 11.94
CA LEU B 214 -26.01 -7.49 10.65
C LEU B 214 -27.27 -8.00 9.98
N LEU B 215 -28.12 -8.70 10.72
CA LEU B 215 -29.34 -9.29 10.15
C LEU B 215 -30.52 -8.34 10.12
N THR B 216 -30.53 -7.28 10.96
CA THR B 216 -31.69 -6.37 11.03
C THR B 216 -31.64 -5.23 10.03
N LEU B 217 -30.44 -4.78 9.67
CA LEU B 217 -30.28 -3.77 8.64
C LEU B 217 -30.42 -4.49 7.29
N HIS B 218 -30.82 -3.77 6.23
CA HIS B 218 -30.99 -4.37 4.92
C HIS B 218 -29.63 -4.64 4.34
N PRO B 219 -29.34 -5.86 3.84
CA PRO B 219 -28.01 -6.13 3.30
C PRO B 219 -27.57 -5.21 2.16
N ILE B 220 -28.52 -4.60 1.41
CA ILE B 220 -28.13 -3.66 0.36
C ILE B 220 -27.59 -2.42 1.02
N GLU B 221 -28.25 -1.95 2.09
CA GLU B 221 -27.85 -0.70 2.72
C GLU B 221 -26.59 -0.86 3.57
N ILE B 222 -26.27 -2.10 4.03
CA ILE B 222 -25.05 -2.34 4.80
C ILE B 222 -23.90 -2.14 3.82
N ALA B 223 -23.97 -2.77 2.66
CA ALA B 223 -22.97 -2.65 1.58
C ALA B 223 -22.79 -1.22 1.08
N ARG B 224 -23.91 -0.48 0.85
CA ARG B 224 -23.86 0.91 0.34
C ARG B 224 -23.26 1.85 1.33
N GLN B 225 -23.72 1.76 2.58
CA GLN B 225 -23.22 2.66 3.62
C GLN B 225 -21.76 2.37 3.95
N LEU B 226 -21.33 1.09 3.83
CA LEU B 226 -19.93 0.75 4.04
C LEU B 226 -19.10 1.19 2.86
N THR B 227 -19.66 1.13 1.64
CA THR B 227 -18.98 1.59 0.43
C THR B 227 -18.78 3.10 0.50
N LEU B 228 -19.77 3.81 1.05
CA LEU B 228 -19.65 5.26 1.21
C LEU B 228 -18.52 5.62 2.23
N LEU B 229 -18.40 4.88 3.36
CA LEU B 229 -17.34 5.15 4.37
C LEU B 229 -15.98 4.84 3.82
N GLU B 230 -15.90 3.68 3.16
CA GLU B 230 -14.66 3.18 2.59
C GLU B 230 -14.23 3.98 1.37
N SER B 231 -15.19 4.57 0.66
CA SER B 231 -14.88 5.45 -0.48
C SER B 231 -14.24 6.77 0.06
N ASP B 232 -14.83 7.37 1.09
CA ASP B 232 -14.29 8.60 1.69
C ASP B 232 -12.91 8.35 2.30
N LEU B 233 -12.72 7.20 2.98
CA LEU B 233 -11.44 6.86 3.62
C LEU B 233 -10.35 6.76 2.56
N TYR B 234 -10.65 6.04 1.46
CA TYR B 234 -9.75 5.87 0.34
C TYR B 234 -9.34 7.23 -0.26
N ARG B 235 -10.34 8.10 -0.50
CA ARG B 235 -10.14 9.43 -1.12
C ARG B 235 -9.28 10.38 -0.32
N ALA B 236 -9.26 10.21 1.00
CA ALA B 236 -8.52 11.06 1.92
C ALA B 236 -7.04 10.81 2.00
N VAL B 237 -6.55 9.64 1.50
CA VAL B 237 -5.13 9.28 1.57
C VAL B 237 -4.40 10.08 0.55
N GLN B 238 -3.38 10.81 0.96
CA GLN B 238 -2.59 11.65 0.05
C GLN B 238 -1.21 11.06 -0.18
N PRO B 239 -0.53 11.47 -1.27
CA PRO B 239 0.81 10.90 -1.53
C PRO B 239 1.85 11.19 -0.48
N SER B 240 1.70 12.29 0.29
CA SER B 240 2.61 12.64 1.40
C SER B 240 2.67 11.50 2.44
N GLU B 241 1.56 10.73 2.57
CA GLU B 241 1.45 9.58 3.47
C GLU B 241 2.11 8.27 2.95
N LEU B 242 2.47 8.25 1.64
CA LEU B 242 2.96 7.06 0.94
C LEU B 242 4.35 7.18 0.46
N VAL B 243 4.70 8.32 -0.13
CA VAL B 243 6.06 8.53 -0.61
C VAL B 243 7.01 8.40 0.58
N GLY B 244 8.13 7.72 0.35
CA GLY B 244 9.13 7.44 1.36
C GLY B 244 8.79 6.29 2.29
N SER B 245 7.73 5.50 1.97
CA SER B 245 7.28 4.35 2.77
C SER B 245 7.08 4.71 4.23
N VAL B 246 6.60 5.93 4.47
CA VAL B 246 6.49 6.51 5.81
C VAL B 246 5.43 5.89 6.69
N TRP B 247 4.54 5.04 6.15
CA TRP B 247 3.50 4.37 6.92
C TRP B 247 4.03 3.13 7.64
N THR B 248 5.29 2.74 7.35
CA THR B 248 5.99 1.59 7.94
C THR B 248 7.02 2.03 8.97
N LYS B 249 7.30 3.37 9.05
CA LYS B 249 8.34 3.96 9.88
C LYS B 249 7.78 4.27 11.25
N GLU B 250 8.67 4.70 12.17
CA GLU B 250 8.31 4.94 13.56
C GLU B 250 7.30 6.06 13.77
N ASP B 251 7.28 7.06 12.89
CA ASP B 251 6.33 8.18 12.96
C ASP B 251 5.11 8.00 12.03
N LYS B 252 4.74 6.75 11.72
CA LYS B 252 3.60 6.48 10.84
C LYS B 252 2.29 7.09 11.32
N GLU B 253 2.07 7.14 12.63
CA GLU B 253 0.83 7.74 13.16
C GLU B 253 0.74 9.22 12.89
N ILE B 254 1.90 9.90 12.73
CA ILE B 254 2.00 11.33 12.44
C ILE B 254 1.93 11.58 10.93
N ASN B 255 2.65 10.76 10.15
CA ASN B 255 2.79 10.92 8.71
C ASN B 255 1.73 10.30 7.86
N SER B 256 1.12 9.17 8.30
CA SER B 256 0.10 8.44 7.54
C SER B 256 -1.20 8.25 8.32
N PRO B 257 -1.79 9.30 8.85
CA PRO B 257 -3.00 9.11 9.65
C PRO B 257 -4.22 8.65 8.89
N ASN B 258 -4.47 9.19 7.68
CA ASN B 258 -5.65 8.81 6.90
C ASN B 258 -5.54 7.39 6.36
N LEU B 259 -4.34 6.97 5.96
CA LEU B 259 -4.16 5.60 5.51
C LEU B 259 -4.46 4.65 6.66
N LEU B 260 -3.88 4.92 7.81
CA LEU B 260 -4.05 4.04 8.96
C LEU B 260 -5.50 3.91 9.41
N LYS B 261 -6.28 5.00 9.44
CA LYS B 261 -7.72 4.96 9.74
C LYS B 261 -8.43 4.07 8.74
N MET B 262 -8.07 4.19 7.47
CA MET B 262 -8.64 3.41 6.38
C MET B 262 -8.40 1.92 6.62
N ILE B 263 -7.10 1.54 6.89
CA ILE B 263 -6.69 0.15 7.16
C ILE B 263 -7.37 -0.40 8.39
N ARG B 264 -7.54 0.44 9.40
CA ARG B 264 -8.19 0.03 10.63
C ARG B 264 -9.68 -0.17 10.50
N HIS B 265 -10.38 0.57 9.62
CA HIS B 265 -11.82 0.36 9.39
C HIS B 265 -11.95 -1.01 8.74
N THR B 266 -11.19 -1.23 7.66
CA THR B 266 -11.16 -2.51 6.95
C THR B 266 -10.90 -3.68 7.93
N THR B 267 -9.93 -3.51 8.83
CA THR B 267 -9.62 -4.53 9.82
C THR B 267 -10.77 -4.69 10.78
N ASN B 268 -11.36 -3.59 11.27
CA ASN B 268 -12.50 -3.68 12.18
C ASN B 268 -13.65 -4.41 11.53
N LEU B 269 -13.94 -4.14 10.25
CA LEU B 269 -15.04 -4.81 9.56
C LEU B 269 -14.83 -6.31 9.39
N THR B 270 -13.59 -6.74 9.04
CA THR B 270 -13.28 -8.17 8.96
C THR B 270 -13.53 -8.85 10.31
N LEU B 271 -13.05 -8.24 11.38
CA LEU B 271 -13.22 -8.77 12.73
C LEU B 271 -14.68 -8.84 13.18
N TRP B 272 -15.47 -7.84 12.83
CA TRP B 272 -16.89 -7.85 13.12
C TRP B 272 -17.60 -8.99 12.38
N PHE B 273 -17.25 -9.26 11.10
CA PHE B 273 -17.84 -10.35 10.33
C PHE B 273 -17.50 -11.68 10.97
N GLU B 274 -16.23 -11.87 11.36
CA GLU B 274 -15.80 -13.12 12.01
C GLU B 274 -16.54 -13.31 13.34
N LYS B 275 -16.66 -12.24 14.13
CA LYS B 275 -17.31 -12.23 15.43
C LYS B 275 -18.79 -12.60 15.29
N CYS B 276 -19.51 -11.97 14.34
CA CYS B 276 -20.91 -12.23 14.08
C CYS B 276 -21.09 -13.74 13.83
N ILE B 277 -20.17 -14.32 13.05
CA ILE B 277 -20.24 -15.73 12.70
C ILE B 277 -20.06 -16.62 13.89
N VAL B 278 -18.88 -16.57 14.51
CA VAL B 278 -18.55 -17.48 15.61
C VAL B 278 -19.37 -17.22 16.89
N GLU B 279 -19.86 -16.00 17.11
CA GLU B 279 -20.72 -15.76 18.28
C GLU B 279 -22.16 -16.22 18.05
N THR B 280 -22.52 -16.67 16.85
CA THR B 280 -23.86 -17.19 16.56
C THR B 280 -23.66 -18.68 16.71
N GLU B 281 -23.92 -19.20 17.91
CA GLU B 281 -23.63 -20.60 18.24
C GLU B 281 -24.61 -21.55 17.60
N ASN B 282 -25.91 -21.17 17.51
CA ASN B 282 -26.92 -21.99 16.83
C ASN B 282 -26.53 -22.15 15.34
N LEU B 283 -26.54 -23.39 14.83
CA LEU B 283 -26.12 -23.63 13.44
C LEU B 283 -27.02 -22.99 12.38
N GLU B 284 -28.35 -23.07 12.52
CA GLU B 284 -29.29 -22.50 11.55
C GLU B 284 -29.15 -20.98 11.51
N GLU B 285 -28.99 -20.34 12.68
CA GLU B 285 -28.77 -18.91 12.73
C GLU B 285 -27.40 -18.58 12.18
N ARG B 286 -26.37 -19.42 12.44
CA ARG B 286 -25.03 -19.14 11.90
C ARG B 286 -25.01 -19.27 10.39
N VAL B 287 -25.82 -20.19 9.83
CA VAL B 287 -25.96 -20.35 8.37
C VAL B 287 -26.62 -19.08 7.82
N ALA B 288 -27.58 -18.50 8.57
CA ALA B 288 -28.21 -17.25 8.15
C ALA B 288 -27.19 -16.08 8.10
N VAL B 289 -26.25 -16.08 9.05
CA VAL B 289 -25.23 -15.04 9.15
C VAL B 289 -24.21 -15.09 8.00
N VAL B 290 -23.71 -16.28 7.67
CA VAL B 290 -22.72 -16.44 6.60
C VAL B 290 -23.36 -16.11 5.27
N SER B 291 -24.61 -16.56 5.09
CA SER B 291 -25.40 -16.29 3.88
C SER B 291 -25.62 -14.76 3.70
N ARG B 292 -25.94 -14.03 4.81
CA ARG B 292 -26.15 -12.57 4.74
C ARG B 292 -24.85 -11.82 4.40
N ILE B 293 -23.71 -12.30 4.92
CA ILE B 293 -22.39 -11.72 4.64
C ILE B 293 -22.09 -11.91 3.17
N ILE B 294 -22.40 -13.10 2.62
CA ILE B 294 -22.16 -13.34 1.19
C ILE B 294 -23.05 -12.42 0.33
N GLU B 295 -24.28 -12.11 0.80
CA GLU B 295 -25.17 -11.22 0.08
C GLU B 295 -24.60 -9.81 0.07
N ILE B 296 -23.98 -9.37 1.17
CA ILE B 296 -23.33 -8.05 1.28
C ILE B 296 -22.14 -8.02 0.31
N LEU B 297 -21.38 -9.11 0.22
CA LEU B 297 -20.23 -9.24 -0.67
C LEU B 297 -20.66 -9.05 -2.13
N GLN B 298 -21.78 -9.68 -2.48
CA GLN B 298 -22.37 -9.58 -3.81
C GLN B 298 -22.64 -8.14 -4.19
N VAL B 299 -23.20 -7.35 -3.25
CA VAL B 299 -23.49 -5.95 -3.48
C VAL B 299 -22.20 -5.13 -3.58
N PHE B 300 -21.17 -5.46 -2.76
CA PHE B 300 -19.86 -4.81 -2.85
C PHE B 300 -19.30 -5.06 -4.26
N GLN B 301 -19.45 -6.30 -4.79
CA GLN B 301 -18.98 -6.60 -6.15
C GLN B 301 -19.75 -5.77 -7.18
N GLU B 302 -21.06 -5.59 -6.96
CA GLU B 302 -21.89 -4.78 -7.85
C GLU B 302 -21.41 -3.33 -7.84
N LEU B 303 -21.07 -2.83 -6.65
CA LEU B 303 -20.62 -1.45 -6.45
C LEU B 303 -19.15 -1.24 -6.75
N ASN B 304 -18.40 -2.29 -7.08
CA ASN B 304 -16.95 -2.22 -7.28
C ASN B 304 -16.26 -1.69 -6.03
N ASN B 305 -16.64 -2.20 -4.85
CA ASN B 305 -15.97 -1.85 -3.60
C ASN B 305 -15.08 -3.06 -3.31
N PHE B 306 -13.87 -3.09 -3.93
CA PHE B 306 -12.93 -4.22 -3.79
C PHE B 306 -12.32 -4.29 -2.39
N ASN B 307 -12.28 -3.15 -1.68
CA ASN B 307 -11.84 -3.11 -0.29
C ASN B 307 -12.83 -3.96 0.51
N GLY B 308 -14.11 -3.64 0.37
CA GLY B 308 -15.20 -4.38 0.98
C GLY B 308 -15.25 -5.84 0.57
N VAL B 309 -14.98 -6.15 -0.70
CA VAL B 309 -14.90 -7.53 -1.13
C VAL B 309 -13.80 -8.26 -0.31
N LEU B 310 -12.64 -7.68 -0.16
CA LEU B 310 -11.56 -8.31 0.60
C LEU B 310 -11.80 -8.33 2.12
N GLU B 311 -12.63 -7.43 2.64
CA GLU B 311 -12.98 -7.45 4.04
C GLU B 311 -13.70 -8.77 4.28
N VAL B 312 -14.57 -9.14 3.34
CA VAL B 312 -15.36 -10.37 3.47
C VAL B 312 -14.50 -11.57 3.17
N VAL B 313 -13.72 -11.54 2.11
CA VAL B 313 -12.87 -12.68 1.76
C VAL B 313 -11.92 -13.01 2.93
N SER B 314 -11.28 -11.97 3.50
CA SER B 314 -10.36 -12.12 4.64
C SER B 314 -11.05 -12.74 5.87
N ALA B 315 -12.31 -12.37 6.16
CA ALA B 315 -13.09 -12.90 7.28
C ALA B 315 -13.35 -14.37 7.08
N MET B 316 -13.62 -14.76 5.85
CA MET B 316 -13.91 -16.15 5.50
C MET B 316 -12.70 -17.03 5.51
N ASN B 317 -11.52 -16.51 5.11
CA ASN B 317 -10.28 -17.32 5.14
C ASN B 317 -9.63 -17.37 6.53
N SER B 318 -10.14 -16.60 7.50
CA SER B 318 -9.61 -16.60 8.87
C SER B 318 -9.73 -17.97 9.51
N SER B 319 -8.83 -18.29 10.43
CA SER B 319 -8.83 -19.61 11.09
C SER B 319 -10.13 -19.90 11.82
N PRO B 320 -10.77 -18.92 12.49
CA PRO B 320 -12.03 -19.23 13.17
C PRO B 320 -13.19 -19.51 12.22
N VAL B 321 -13.24 -18.84 11.04
CA VAL B 321 -14.36 -19.01 10.10
C VAL B 321 -14.12 -20.15 9.10
N TYR B 322 -12.96 -20.19 8.48
CA TYR B 322 -12.67 -21.20 7.46
C TYR B 322 -12.95 -22.66 7.86
N ARG B 323 -12.79 -22.99 9.13
CA ARG B 323 -12.95 -24.36 9.64
C ARG B 323 -14.40 -24.85 9.91
N LEU B 324 -15.40 -23.96 9.81
CA LEU B 324 -16.80 -24.25 10.11
C LEU B 324 -17.52 -24.99 8.96
N ASP B 325 -17.13 -26.23 8.71
CA ASP B 325 -17.69 -27.09 7.68
C ASP B 325 -19.17 -27.41 7.83
N HIS B 326 -19.72 -27.52 9.07
CA HIS B 326 -21.17 -27.78 9.20
C HIS B 326 -22.00 -26.58 8.71
N THR B 327 -21.42 -25.37 8.79
CA THR B 327 -22.07 -24.14 8.37
C THR B 327 -22.08 -24.06 6.85
N PHE B 328 -20.95 -24.37 6.23
CA PHE B 328 -20.81 -24.30 4.77
C PHE B 328 -21.59 -25.35 4.04
N GLU B 329 -21.79 -26.51 4.67
CA GLU B 329 -22.58 -27.62 4.13
C GLU B 329 -23.99 -27.13 3.74
N GLN B 330 -24.59 -26.29 4.59
CA GLN B 330 -25.96 -25.78 4.46
C GLN B 330 -26.07 -24.50 3.62
N ILE B 331 -24.95 -23.96 3.14
CA ILE B 331 -24.96 -22.72 2.33
C ILE B 331 -25.36 -23.04 0.88
N PRO B 332 -26.32 -22.26 0.31
CA PRO B 332 -26.71 -22.48 -1.10
C PRO B 332 -25.55 -22.33 -2.08
N SER B 333 -25.51 -23.19 -3.10
CA SER B 333 -24.50 -23.19 -4.16
C SER B 333 -24.32 -21.84 -4.85
N ARG B 334 -25.41 -21.09 -5.05
CA ARG B 334 -25.29 -19.79 -5.69
C ARG B 334 -24.30 -18.95 -4.89
N GLN B 335 -24.46 -18.93 -3.55
CA GLN B 335 -23.60 -18.16 -2.67
C GLN B 335 -22.20 -18.74 -2.59
N LYS B 336 -22.06 -20.06 -2.55
CA LYS B 336 -20.74 -20.67 -2.59
C LYS B 336 -20.00 -20.14 -3.81
N LYS B 337 -20.60 -20.24 -5.01
CA LYS B 337 -19.97 -19.75 -6.23
C LYS B 337 -19.60 -18.27 -6.16
N ILE B 338 -20.46 -17.43 -5.52
CA ILE B 338 -20.20 -15.99 -5.34
C ILE B 338 -18.94 -15.81 -4.52
N LEU B 339 -18.81 -16.59 -3.46
CA LEU B 339 -17.64 -16.53 -2.59
C LEU B 339 -16.44 -17.07 -3.30
N GLU B 340 -16.57 -18.18 -4.05
CA GLU B 340 -15.43 -18.73 -4.80
C GLU B 340 -14.83 -17.70 -5.76
N GLU B 341 -15.67 -16.96 -6.52
CA GLU B 341 -15.16 -15.95 -7.46
C GLU B 341 -14.47 -14.81 -6.78
N ALA B 342 -15.03 -14.31 -5.66
CA ALA B 342 -14.47 -13.23 -4.86
C ALA B 342 -13.13 -13.66 -4.29
N HIS B 343 -13.04 -14.87 -3.78
CA HIS B 343 -11.79 -15.42 -3.28
C HIS B 343 -10.74 -15.45 -4.37
N GLU B 344 -11.12 -15.96 -5.55
CA GLU B 344 -10.20 -16.10 -6.67
C GLU B 344 -9.62 -14.77 -7.18
N LEU B 345 -10.19 -13.60 -6.80
CA LEU B 345 -9.59 -12.31 -7.16
C LEU B 345 -8.21 -12.16 -6.50
N SER B 346 -8.02 -12.81 -5.33
CA SER B 346 -6.80 -12.79 -4.51
C SER B 346 -5.78 -13.83 -4.89
N GLU B 347 -6.23 -14.95 -5.44
CA GLU B 347 -5.35 -16.05 -5.82
C GLU B 347 -4.33 -15.62 -6.88
N ASP B 348 -3.13 -16.23 -6.82
CA ASP B 348 -2.04 -15.98 -7.76
C ASP B 348 -1.68 -14.53 -7.80
N HIS B 349 -1.33 -14.00 -6.62
CA HIS B 349 -0.88 -12.63 -6.41
C HIS B 349 -1.81 -11.58 -6.98
N TYR B 350 -3.09 -11.67 -6.65
CA TYR B 350 -4.11 -10.72 -7.08
C TYR B 350 -4.21 -10.55 -8.60
N LYS B 351 -3.98 -11.64 -9.38
CA LYS B 351 -4.01 -11.62 -10.86
C LYS B 351 -5.35 -11.11 -11.41
N LYS B 352 -6.44 -11.79 -11.03
CA LYS B 352 -7.78 -11.45 -11.46
C LYS B 352 -8.28 -10.11 -10.88
N TYR B 353 -7.84 -9.74 -9.66
CA TYR B 353 -8.21 -8.44 -9.08
C TYR B 353 -7.64 -7.35 -9.94
N LEU B 354 -6.36 -7.45 -10.28
CA LEU B 354 -5.67 -6.46 -11.11
C LEU B 354 -6.34 -6.32 -12.46
N ALA B 355 -6.58 -7.48 -13.12
CA ALA B 355 -7.27 -7.55 -14.39
C ALA B 355 -8.67 -6.90 -14.28
N LYS B 356 -9.43 -7.23 -13.21
CA LYS B 356 -10.77 -6.68 -13.02
C LYS B 356 -10.79 -5.20 -12.72
N LEU B 357 -9.81 -4.68 -11.97
CA LEU B 357 -9.75 -3.25 -11.64
C LEU B 357 -9.49 -2.44 -12.91
N ARG B 358 -8.57 -2.88 -13.78
CA ARG B 358 -8.31 -2.24 -15.07
C ARG B 358 -9.56 -2.18 -15.96
N SER B 359 -10.35 -3.25 -15.96
CA SER B 359 -11.53 -3.36 -16.81
C SER B 359 -12.69 -2.46 -16.37
N ILE B 360 -12.82 -2.19 -15.07
CA ILE B 360 -13.93 -1.37 -14.59
C ILE B 360 -13.55 0.10 -14.64
N ASN B 361 -14.57 0.96 -14.53
CA ASN B 361 -14.39 2.41 -14.49
C ASN B 361 -15.00 2.96 -13.19
N PRO B 362 -14.53 4.14 -12.74
CA PRO B 362 -15.06 4.71 -11.50
C PRO B 362 -16.57 4.93 -11.47
N PRO B 363 -17.19 5.03 -10.29
CA PRO B 363 -16.58 4.96 -8.96
C PRO B 363 -16.26 3.52 -8.54
N CYS B 364 -15.12 3.38 -7.89
CA CYS B 364 -14.74 2.14 -7.26
C CYS B 364 -13.90 2.44 -6.02
N VAL B 365 -13.78 1.43 -5.15
CA VAL B 365 -12.95 1.52 -3.97
C VAL B 365 -11.89 0.41 -4.13
N PRO B 366 -10.68 0.76 -4.59
CA PRO B 366 -9.65 -0.28 -4.72
C PRO B 366 -9.19 -0.81 -3.37
N PHE B 367 -8.50 -1.95 -3.40
CA PHE B 367 -7.85 -2.50 -2.21
C PHE B 367 -6.45 -1.88 -2.19
N PHE B 368 -6.13 -1.13 -1.12
CA PHE B 368 -4.87 -0.39 -1.01
C PHE B 368 -3.60 -1.22 -0.81
N GLY B 369 -3.72 -2.40 -0.22
CA GLY B 369 -2.56 -3.23 0.13
C GLY B 369 -1.55 -3.50 -0.96
N ILE B 370 -2.02 -3.64 -2.18
CA ILE B 370 -1.18 -3.90 -3.34
C ILE B 370 -0.29 -2.71 -3.62
N TYR B 371 -0.86 -1.50 -3.56
CA TYR B 371 -0.13 -0.26 -3.78
C TYR B 371 0.99 -0.07 -2.76
N LEU B 372 0.67 -0.32 -1.48
CA LEU B 372 1.60 -0.20 -0.36
C LEU B 372 2.79 -1.13 -0.53
N THR B 373 2.55 -2.39 -0.89
CA THR B 373 3.65 -3.35 -1.15
C THR B 373 4.48 -2.93 -2.37
N ASN B 374 3.84 -2.46 -3.44
CA ASN B 374 4.59 -2.06 -4.66
C ASN B 374 5.44 -0.80 -4.41
N ILE B 375 4.92 0.18 -3.65
CA ILE B 375 5.70 1.39 -3.30
C ILE B 375 6.87 1.02 -2.40
N LEU B 376 6.63 0.22 -1.38
CA LEU B 376 7.69 -0.17 -0.47
C LEU B 376 8.82 -0.86 -1.23
N LYS B 377 8.49 -1.96 -1.91
CA LYS B 377 9.44 -2.76 -2.67
C LYS B 377 10.14 -1.99 -3.75
N THR B 378 9.53 -0.92 -4.30
CA THR B 378 10.20 -0.07 -5.30
C THR B 378 11.29 0.73 -4.60
N GLU B 379 10.96 1.34 -3.46
CA GLU B 379 11.91 2.15 -2.72
C GLU B 379 13.02 1.35 -2.09
N GLU B 380 12.73 0.12 -1.62
CA GLU B 380 13.69 -0.76 -0.96
C GLU B 380 14.49 -1.61 -1.96
N GLY B 381 13.91 -1.87 -3.12
CA GLY B 381 14.54 -2.69 -4.14
C GLY B 381 15.38 -1.97 -5.17
N ASN B 382 15.52 -0.64 -5.06
CA ASN B 382 16.29 0.19 -6.01
C ASN B 382 17.15 1.17 -5.25
N PRO B 383 18.34 1.47 -5.80
CA PRO B 383 19.25 2.38 -5.11
C PRO B 383 18.83 3.82 -5.18
N GLU B 384 19.13 4.56 -4.14
CA GLU B 384 18.78 5.97 -4.06
C GLU B 384 19.69 6.76 -5.00
N VAL B 385 20.89 6.19 -5.29
CA VAL B 385 21.93 6.81 -6.06
C VAL B 385 22.57 5.84 -7.00
N LEU B 386 22.94 6.31 -8.19
CA LEU B 386 23.71 5.57 -9.18
C LEU B 386 25.06 6.28 -9.25
N LYS B 387 26.11 5.57 -9.63
CA LYS B 387 27.45 6.15 -9.70
C LYS B 387 27.98 6.01 -11.11
N ARG B 388 28.34 7.13 -11.73
CA ARG B 388 28.84 7.15 -13.11
C ARG B 388 30.15 7.92 -13.13
N HIS B 389 31.25 7.25 -13.55
CA HIS B 389 32.61 7.82 -13.56
C HIS B 389 32.98 8.32 -12.13
N GLY B 390 32.56 7.54 -11.11
CA GLY B 390 32.80 7.86 -9.71
C GLY B 390 32.00 8.99 -9.10
N LYS B 391 31.01 9.57 -9.82
CA LYS B 391 30.16 10.67 -9.35
C LYS B 391 28.76 10.16 -9.00
N GLU B 392 28.19 10.61 -7.87
CA GLU B 392 26.86 10.18 -7.44
C GLU B 392 25.74 10.94 -8.17
N LEU B 393 24.87 10.20 -8.87
CA LEU B 393 23.68 10.76 -9.52
C LEU B 393 22.44 10.28 -8.77
N ILE B 394 21.50 11.19 -8.49
CA ILE B 394 20.27 10.82 -7.83
C ILE B 394 19.52 9.92 -8.80
N ASN B 395 19.05 8.77 -8.34
CA ASN B 395 18.28 7.84 -9.17
C ASN B 395 16.85 8.38 -9.29
N PHE B 396 16.56 9.15 -10.33
CA PHE B 396 15.20 9.70 -10.49
C PHE B 396 14.18 8.66 -10.95
N SER B 397 14.58 7.69 -11.74
CA SER B 397 13.64 6.69 -12.27
C SER B 397 12.95 5.87 -11.20
N LYS B 398 13.64 5.62 -10.10
CA LYS B 398 13.09 4.99 -8.89
C LYS B 398 11.91 5.87 -8.38
N ARG B 399 12.13 7.18 -8.34
CA ARG B 399 11.11 8.13 -7.89
C ARG B 399 9.93 8.18 -8.86
N ARG B 400 10.19 8.18 -10.19
CA ARG B 400 9.12 8.13 -11.20
C ARG B 400 8.24 6.89 -10.97
N LYS B 401 8.86 5.73 -10.82
CA LYS B 401 8.13 4.48 -10.58
C LYS B 401 7.19 4.57 -9.39
N VAL B 402 7.58 5.28 -8.31
CA VAL B 402 6.72 5.48 -7.12
C VAL B 402 5.60 6.43 -7.46
N ALA B 403 5.92 7.51 -8.18
CA ALA B 403 4.93 8.50 -8.57
C ALA B 403 3.88 7.91 -9.54
N GLU B 404 4.23 6.86 -10.31
CA GLU B 404 3.29 6.20 -11.20
C GLU B 404 2.22 5.50 -10.37
N ILE B 405 2.64 4.86 -9.25
CA ILE B 405 1.73 4.18 -8.32
C ILE B 405 0.88 5.21 -7.59
N THR B 406 1.48 6.32 -7.08
CA THR B 406 0.65 7.33 -6.40
C THR B 406 -0.34 7.99 -7.35
N GLY B 407 0.01 8.08 -8.64
CA GLY B 407 -0.87 8.62 -9.65
C GLY B 407 -2.01 7.65 -9.93
N GLU B 408 -1.68 6.34 -10.03
CA GLU B 408 -2.65 5.26 -10.20
C GLU B 408 -3.71 5.26 -9.04
N ILE B 409 -3.29 5.57 -7.81
CA ILE B 409 -4.18 5.66 -6.63
C ILE B 409 -5.12 6.88 -6.79
N GLN B 410 -4.59 8.02 -7.22
CA GLN B 410 -5.35 9.24 -7.41
C GLN B 410 -6.42 9.18 -8.50
N GLN B 411 -6.20 8.38 -9.56
CA GLN B 411 -7.16 8.29 -10.65
C GLN B 411 -8.51 7.73 -10.18
N TYR B 412 -8.55 6.89 -9.14
CA TYR B 412 -9.81 6.39 -8.56
C TYR B 412 -10.37 7.23 -7.35
N GLN B 413 -9.71 8.36 -6.99
CA GLN B 413 -10.14 9.25 -5.89
C GLN B 413 -11.02 10.41 -6.38
N ASN B 414 -11.14 10.57 -7.70
CA ASN B 414 -11.83 11.71 -8.30
C ASN B 414 -13.34 11.56 -8.29
N GLN B 415 -13.81 10.38 -8.69
CA GLN B 415 -15.23 10.07 -8.86
C GLN B 415 -15.95 9.58 -7.56
N PRO B 416 -17.07 10.23 -7.18
CA PRO B 416 -17.84 9.75 -6.03
C PRO B 416 -18.96 8.79 -6.45
N TYR B 417 -19.62 8.21 -5.44
CA TYR B 417 -20.74 7.27 -5.63
C TYR B 417 -22.06 8.01 -5.60
N CYS B 418 -23.01 7.59 -6.45
CA CYS B 418 -24.33 8.19 -6.43
C CYS B 418 -25.22 7.34 -5.52
N LEU B 419 -24.99 7.50 -4.20
CA LEU B 419 -25.70 6.81 -3.12
C LEU B 419 -25.93 7.82 -1.99
N ARG B 420 -27.12 7.78 -1.35
CA ARG B 420 -27.49 8.67 -0.25
C ARG B 420 -26.93 8.16 1.07
N VAL B 421 -26.39 9.08 1.88
CA VAL B 421 -25.86 8.76 3.21
C VAL B 421 -27.04 8.61 4.17
N GLU B 422 -26.96 7.64 5.06
CA GLU B 422 -27.92 7.41 6.14
C GLU B 422 -27.04 7.61 7.35
N SER B 423 -27.21 8.73 8.02
CA SER B 423 -26.39 9.14 9.14
C SER B 423 -26.33 8.18 10.31
N ASP B 424 -27.43 7.46 10.58
CA ASP B 424 -27.46 6.52 11.70
C ASP B 424 -26.75 5.25 11.34
N ILE B 425 -26.92 4.74 10.10
CA ILE B 425 -26.27 3.50 9.65
C ILE B 425 -24.78 3.80 9.56
N LYS B 426 -24.43 4.96 8.97
CA LYS B 426 -23.04 5.42 8.86
C LYS B 426 -22.35 5.35 10.22
N ARG B 427 -22.95 6.00 11.22
CA ARG B 427 -22.44 6.11 12.60
C ARG B 427 -22.31 4.74 13.27
N PHE B 428 -23.25 3.83 12.99
CA PHE B 428 -23.22 2.48 13.51
C PHE B 428 -21.93 1.77 13.06
N PHE B 429 -21.56 1.90 11.77
CA PHE B 429 -20.34 1.30 11.24
C PHE B 429 -19.11 2.04 11.66
N GLU B 430 -19.18 3.37 11.77
CA GLU B 430 -18.01 4.13 12.23
C GLU B 430 -17.61 3.73 13.64
N ASN B 431 -18.59 3.52 14.52
CA ASN B 431 -18.35 3.20 15.94
C ASN B 431 -18.25 1.70 16.24
N LEU B 432 -18.26 0.81 15.23
CA LEU B 432 -18.08 -0.63 15.47
C LEU B 432 -16.78 -0.85 16.21
N ASN B 433 -16.78 -1.69 17.25
CA ASN B 433 -15.59 -2.03 18.02
C ASN B 433 -15.67 -3.50 18.47
N PRO B 434 -15.50 -4.44 17.51
CA PRO B 434 -15.61 -5.87 17.88
C PRO B 434 -14.60 -6.34 18.92
N MET B 435 -13.37 -5.77 18.91
CA MET B 435 -12.35 -6.13 19.90
C MET B 435 -12.67 -5.60 21.29
N GLY B 436 -13.40 -4.51 21.38
CA GLY B 436 -13.69 -3.89 22.67
C GLY B 436 -12.41 -3.38 23.26
N ASN B 437 -12.13 -3.76 24.52
CA ASN B 437 -10.88 -3.40 25.22
C ASN B 437 -9.79 -4.48 25.15
N SER B 438 -9.95 -5.49 24.32
CA SER B 438 -9.01 -6.61 24.24
C SER B 438 -7.92 -6.35 23.24
N MET B 439 -6.75 -6.93 23.48
CA MET B 439 -5.66 -6.79 22.54
C MET B 439 -5.89 -7.83 21.45
N GLU B 440 -5.19 -7.68 20.32
CA GLU B 440 -5.29 -8.54 19.16
C GLU B 440 -5.24 -10.01 19.57
N LYS B 441 -4.13 -10.48 20.22
CA LYS B 441 -3.96 -11.90 20.60
C LYS B 441 -5.11 -12.44 21.44
N GLU B 442 -5.46 -11.71 22.47
CA GLU B 442 -6.54 -12.08 23.39
C GLU B 442 -7.88 -12.25 22.60
N PHE B 443 -8.21 -11.31 21.67
CA PHE B 443 -9.43 -11.37 20.86
C PHE B 443 -9.41 -12.48 19.81
N THR B 444 -8.31 -12.55 19.11
CA THR B 444 -8.02 -13.55 18.10
C THR B 444 -8.20 -14.98 18.66
N ASP B 445 -7.70 -15.24 19.89
CA ASP B 445 -7.82 -16.55 20.54
C ASP B 445 -9.26 -16.76 20.97
N TYR B 446 -9.94 -15.74 21.49
CA TYR B 446 -11.37 -15.81 21.86
C TYR B 446 -12.19 -16.26 20.66
N LEU B 447 -11.96 -15.61 19.48
CA LEU B 447 -12.62 -15.96 18.23
C LEU B 447 -12.38 -17.43 17.86
N PHE B 448 -11.12 -17.88 17.94
CA PHE B 448 -10.77 -19.26 17.61
C PHE B 448 -11.33 -20.28 18.62
N ASN B 449 -11.26 -19.96 19.89
CA ASN B 449 -11.80 -20.85 20.92
C ASN B 449 -13.33 -20.93 20.79
N LYS B 450 -13.98 -19.86 20.28
CA LYS B 450 -15.42 -19.86 20.00
C LYS B 450 -15.67 -20.77 18.82
N SER B 451 -14.81 -20.72 17.78
CA SER B 451 -14.98 -21.61 16.63
C SER B 451 -14.93 -23.08 17.06
N LEU B 452 -13.96 -23.43 17.93
CA LEU B 452 -13.83 -24.78 18.45
C LEU B 452 -15.01 -25.18 19.34
N GLU B 453 -15.58 -24.24 20.09
CA GLU B 453 -16.71 -24.53 20.93
C GLU B 453 -17.90 -24.93 20.10
N ILE B 454 -18.23 -24.10 19.11
CA ILE B 454 -19.44 -24.25 18.28
C ILE B 454 -19.35 -25.43 17.30
N GLU B 455 -18.15 -25.72 16.79
CA GLU B 455 -17.94 -26.85 15.88
C GLU B 455 -16.64 -27.54 16.26
N PRO B 456 -16.69 -28.42 17.29
CA PRO B 456 -15.48 -29.10 17.75
C PRO B 456 -14.68 -29.89 16.71
N ARG B 457 -13.39 -30.03 16.98
CA ARG B 457 -12.44 -30.76 16.12
C ARG B 457 -12.86 -32.22 16.12
N ASN B 458 -12.91 -32.84 14.93
CA ASN B 458 -13.31 -34.24 14.84
C ASN B 458 -12.41 -35.13 15.72
N PRO B 459 -12.93 -36.28 16.22
CA PRO B 459 -14.26 -36.86 15.95
C PRO B 459 -15.38 -36.31 16.84
N LYS B 460 -15.09 -35.31 17.74
CA LYS B 460 -16.10 -34.77 18.66
C LYS B 460 -17.44 -34.50 17.98
N PRO B 461 -18.55 -34.93 18.62
CA PRO B 461 -19.88 -34.73 18.01
C PRO B 461 -20.27 -33.27 17.97
N LEU B 462 -21.14 -32.89 17.02
CA LEU B 462 -21.58 -31.52 16.92
C LEU B 462 -22.61 -31.25 18.00
N PRO B 463 -22.40 -30.34 18.96
CA PRO B 463 -23.47 -30.05 19.92
C PRO B 463 -24.56 -29.16 19.32
N ARG B 464 -25.64 -28.95 20.06
CA ARG B 464 -26.71 -28.04 19.64
C ARG B 464 -26.69 -26.86 20.61
N PHE B 465 -27.01 -25.67 20.13
CA PHE B 465 -26.98 -24.47 20.97
C PHE B 465 -28.26 -23.72 20.78
N PRO B 466 -28.75 -23.01 21.81
CA PRO B 466 -30.04 -22.31 21.65
C PRO B 466 -29.96 -21.10 20.69
N LYS B 467 -31.10 -20.80 20.07
CA LYS B 467 -31.26 -19.66 19.18
C LYS B 467 -31.16 -18.36 20.02
N LYS B 468 -30.56 -17.30 19.47
CA LYS B 468 -30.40 -15.99 20.11
C LYS B 468 -31.18 -14.87 19.39
N TYR B 469 -31.75 -15.12 18.18
CA TYR B 469 -32.47 -14.10 17.41
C TYR B 469 -33.98 -14.25 17.50
N SER B 470 -34.65 -13.28 18.13
CA SER B 470 -36.11 -13.26 18.25
C SER B 470 -36.73 -13.00 16.86
N TYR B 471 -36.12 -12.10 16.11
CA TYR B 471 -36.56 -11.74 14.75
C TYR B 471 -36.40 -12.86 13.69
N PRO B 472 -37.06 -12.75 12.51
CA PRO B 472 -36.90 -13.79 11.46
C PRO B 472 -35.56 -13.72 10.71
N LEU B 473 -35.02 -14.88 10.35
CA LEU B 473 -33.72 -15.03 9.68
C LEU B 473 -33.75 -14.91 8.15
N LYS B 474 -34.93 -14.80 7.52
CA LYS B 474 -35.02 -14.75 6.06
C LYS B 474 -34.50 -13.42 5.57
N SER B 475 -33.69 -13.47 4.53
CA SER B 475 -33.12 -12.27 3.95
C SER B 475 -34.12 -11.61 3.04
N PRO B 476 -34.08 -10.27 2.93
CA PRO B 476 -34.92 -9.60 1.94
C PRO B 476 -34.36 -9.69 0.52
N GLY B 477 -33.10 -10.11 0.35
CA GLY B 477 -32.47 -10.22 -0.95
C GLY B 477 -31.61 -9.03 -1.29
N VAL B 478 -30.81 -9.15 -2.36
CA VAL B 478 -29.91 -8.08 -2.85
C VAL B 478 -30.51 -7.26 -4.01
N ARG B 479 -31.77 -7.52 -4.37
CA ARG B 479 -32.46 -6.83 -5.44
C ARG B 479 -33.32 -5.74 -4.81
N PRO B 480 -33.24 -4.46 -5.24
CA PRO B 480 -34.04 -3.40 -4.61
C PRO B 480 -35.55 -3.59 -4.59
N SER B 481 -36.19 -3.02 -3.58
CA SER B 481 -37.63 -3.17 -3.31
C SER B 481 -38.50 -2.15 -4.06
N ASN B 482 -37.98 -0.92 -4.28
CA ASN B 482 -38.69 0.18 -4.95
C ASN B 482 -37.92 0.62 -6.22
N PRO B 483 -38.62 1.22 -7.21
CA PRO B 483 -37.90 1.66 -8.43
C PRO B 483 -37.06 2.92 -8.25
C11 DXO C . -14.42 -20.30 3.66
C10 DXO C . -14.07 -19.94 2.24
C9 DXO C . -13.14 -18.91 2.00
C8 DXO C . -12.81 -18.54 0.70
C7 DXO C . -13.39 -19.18 -0.37
C5 DXO C . -14.34 -20.18 -0.18
C6 DXO C . -14.98 -20.85 -1.38
C4 DXO C . -14.68 -20.57 1.14
C3 DXO C . -15.63 -21.69 1.39
N2 DXO C . -16.93 -21.50 1.23
C1 DXO C . -17.68 -22.58 1.50
S DXO C . -19.42 -22.50 1.27
C DXO C . -19.69 -20.78 0.87
N1 DXO C . -15.05 -22.84 1.79
C2 DXO C . -15.91 -23.85 2.01
N DXO C . -17.25 -23.78 1.89
N3 DXO C . -15.39 -25.02 2.48
C15 DXO C . -14.18 -25.01 3.31
C14 DXO C . -13.42 -26.30 3.16
N4 DXO C . -14.28 -27.44 3.52
C13 DXO C . -15.47 -27.47 2.68
C12 DXO C . -16.24 -26.18 2.78
#